data_3CUX
#
_entry.id   3CUX
#
_cell.length_a   97.865
_cell.length_b   52.036
_cell.length_c   89.107
_cell.angle_alpha   90.00
_cell.angle_beta   98.90
_cell.angle_gamma   90.00
#
_symmetry.space_group_name_H-M   'C 1 2 1'
#
loop_
_entity.id
_entity.type
_entity.pdbx_description
1 polymer 'Malate synthase'
2 non-polymer 'MAGNESIUM ION'
3 water water
#
_entity_poly.entity_id   1
_entity_poly.type   'polypeptide(L)'
_entity_poly.pdbx_seq_one_letter_code
;STQTSRVTLVGEMLPAYNEILTPEALSFLKELHENFNERRIELLQKRMKKQQKIDAGEFPKFLEETKRIREADWTIAKLP
KDLEDRRVEITGPVDRKMVINALNSGAHLFMADFEDSNSPTWENAIEGQINLRDAVKGTISHKNENGKEYRLNSKTAVLI
VRPRGWHLEEKHMQVDGKNMSGSLVDFGLYFFHNAKALLEKGSGPYFYLPKMESYLEARLWNDVFVFAQKYIGIPNGTIK
ATVLLETIHASFEMDEILYELKDHSAGLNCGRWDYIFSFLKAFRNHNEFLLPDRAQVTMTAPFMRAYSLKVIQTCHRRNA
PAIGGMAAQIPIKNNPEANEAAFEKVRADKEREALDGHDGTWVAHPGLVPVAMEVFNHIMKTPNQIFRKREEIHVTEKDL
LEVPVGTITEEGLRMNISVGIQYIASWLSGRGAAPIYNLMEDAATAEISRAQVWQWIRHEGGKLNDGRNITLELMEELKE
EELAKIEREIGKEAFKKGRFQEATTLFTNLVRNDEFVPFLTLPGYEIL
;
_entity_poly.pdbx_strand_id   A
#
loop_
_chem_comp.id
_chem_comp.type
_chem_comp.name
_chem_comp.formula
MG non-polymer 'MAGNESIUM ION' 'Mg 2'
#
# COMPACT_ATOMS: atom_id res chain seq x y z
N ARG A 6 1.43 -0.56 -31.81
CA ARG A 6 2.57 0.42 -31.74
C ARG A 6 2.74 1.13 -30.40
N VAL A 7 3.98 1.16 -29.93
CA VAL A 7 4.27 1.61 -28.59
C VAL A 7 4.90 2.98 -28.73
N THR A 8 4.43 3.93 -27.92
CA THR A 8 4.98 5.28 -27.92
C THR A 8 5.58 5.54 -26.55
N LEU A 9 6.79 6.08 -26.53
CA LEU A 9 7.43 6.46 -25.29
C LEU A 9 7.40 7.99 -25.21
N VAL A 10 6.55 8.52 -24.33
CA VAL A 10 6.30 9.96 -24.24
C VAL A 10 7.17 10.76 -23.28
N GLY A 11 7.69 10.14 -22.21
CA GLY A 11 8.46 10.90 -21.19
C GLY A 11 9.87 11.37 -21.56
N GLU A 12 10.35 12.46 -20.96
CA GLU A 12 11.75 12.87 -21.17
C GLU A 12 12.73 11.80 -20.69
N MET A 13 13.93 11.81 -21.27
CA MET A 13 14.92 10.74 -21.07
C MET A 13 16.31 11.26 -20.66
N ALA A 16 20.76 7.18 -19.18
CA ALA A 16 20.75 5.97 -18.34
C ALA A 16 19.40 5.30 -18.35
N TYR A 17 18.36 6.05 -18.72
CA TYR A 17 17.00 5.50 -18.83
C TYR A 17 16.95 4.46 -19.96
N ASN A 18 17.82 4.65 -20.96
CA ASN A 18 17.94 3.74 -22.11
C ASN A 18 18.29 2.35 -21.64
N GLU A 19 18.91 2.25 -20.48
CA GLU A 19 19.38 0.96 -19.97
C GLU A 19 18.26 0.14 -19.35
N ILE A 20 17.22 0.83 -18.86
CA ILE A 20 16.02 0.15 -18.34
C ILE A 20 15.01 0.02 -19.49
N LEU A 21 14.89 1.06 -20.30
CA LEU A 21 13.91 1.02 -21.39
C LEU A 21 14.49 0.52 -22.72
N THR A 22 14.95 -0.72 -22.71
CA THR A 22 15.67 -1.34 -23.85
C THR A 22 14.59 -1.87 -24.79
N PRO A 23 14.89 -2.01 -26.11
CA PRO A 23 13.86 -2.62 -26.93
C PRO A 23 13.37 -3.97 -26.39
N GLU A 24 14.27 -4.75 -25.80
CA GLU A 24 13.87 -6.07 -25.26
C GLU A 24 12.90 -5.92 -24.10
N ALA A 25 13.22 -5.00 -23.17
CA ALA A 25 12.36 -4.73 -21.98
C ALA A 25 11.02 -4.21 -22.43
N LEU A 26 11.04 -3.23 -23.35
CA LEU A 26 9.79 -2.68 -23.90
C LEU A 26 8.93 -3.71 -24.65
N SER A 27 9.56 -4.66 -25.33
CA SER A 27 8.79 -5.68 -26.04
C SER A 27 8.06 -6.52 -24.98
N PHE A 28 8.73 -6.73 -23.87
CA PHE A 28 8.07 -7.50 -22.78
C PHE A 28 6.87 -6.70 -22.21
N LEU A 29 7.05 -5.39 -21.98
CA LEU A 29 5.96 -4.53 -21.47
C LEU A 29 4.75 -4.49 -22.42
N LYS A 30 5.07 -4.49 -23.73
CA LYS A 30 4.05 -4.43 -24.78
C LYS A 30 3.21 -5.70 -24.66
N GLU A 31 3.87 -6.82 -24.50
CA GLU A 31 3.13 -8.09 -24.41
C GLU A 31 2.30 -8.20 -23.11
N LEU A 32 2.85 -7.73 -21.99
CA LEU A 32 2.08 -7.55 -20.77
C LEU A 32 0.82 -6.76 -21.00
N HIS A 33 0.99 -5.56 -21.57
CA HIS A 33 -0.14 -4.76 -21.90
C HIS A 33 -1.20 -5.51 -22.77
N GLU A 34 -0.77 -6.13 -23.88
CA GLU A 34 -1.73 -6.70 -24.84
C GLU A 34 -2.45 -7.83 -24.16
N ASN A 35 -1.78 -8.48 -23.23
CA ASN A 35 -2.38 -9.66 -22.58
C ASN A 35 -3.31 -9.33 -21.39
N PHE A 36 -2.97 -8.28 -20.68
CA PHE A 36 -3.61 -8.07 -19.35
C PHE A 36 -4.23 -6.68 -19.08
N ASN A 37 -3.95 -5.67 -19.88
CA ASN A 37 -4.49 -4.35 -19.56
C ASN A 37 -6.00 -4.29 -19.64
N GLU A 38 -6.58 -4.98 -20.61
CA GLU A 38 -8.01 -4.91 -20.79
C GLU A 38 -8.69 -5.58 -19.62
N ARG A 39 -8.09 -6.64 -19.11
CA ARG A 39 -8.69 -7.38 -17.98
C ARG A 39 -8.65 -6.45 -16.73
N ARG A 40 -7.55 -5.73 -16.57
CA ARG A 40 -7.38 -4.77 -15.49
CA ARG A 40 -7.38 -4.75 -15.47
C ARG A 40 -8.52 -3.75 -15.53
N ILE A 41 -8.79 -3.22 -16.73
CA ILE A 41 -9.84 -2.21 -16.93
C ILE A 41 -11.22 -2.82 -16.63
N GLU A 42 -11.44 -4.05 -17.07
CA GLU A 42 -12.70 -4.74 -16.77
C GLU A 42 -12.89 -4.82 -15.27
N LEU A 43 -11.85 -5.24 -14.55
CA LEU A 43 -11.99 -5.40 -13.08
C LEU A 43 -12.28 -4.08 -12.37
N LEU A 44 -11.71 -2.98 -12.86
CA LEU A 44 -12.04 -1.69 -12.32
C LEU A 44 -13.51 -1.33 -12.57
N GLN A 45 -14.06 -1.82 -13.69
CA GLN A 45 -15.48 -1.62 -14.00
C GLN A 45 -16.32 -2.48 -13.07
N LYS A 46 -15.84 -3.67 -12.76
CA LYS A 46 -16.57 -4.48 -11.79
C LYS A 46 -16.63 -3.82 -10.42
N ARG A 47 -15.60 -3.05 -10.04
CA ARG A 47 -15.64 -2.34 -8.77
C ARG A 47 -16.80 -1.31 -8.73
N MET A 48 -17.07 -0.67 -9.87
CA MET A 48 -18.11 0.36 -9.92
C MET A 48 -19.45 -0.31 -9.76
N LYS A 49 -19.58 -1.45 -10.37
CA LYS A 49 -20.83 -2.19 -10.29
C LYS A 49 -21.05 -2.64 -8.85
N LYS A 50 -19.98 -3.09 -8.20
CA LYS A 50 -20.09 -3.56 -6.81
C LYS A 50 -20.47 -2.40 -5.90
N GLN A 51 -19.93 -1.21 -6.16
CA GLN A 51 -20.32 -0.06 -5.38
C GLN A 51 -21.85 0.27 -5.44
N GLN A 52 -22.46 0.05 -6.60
CA GLN A 52 -23.90 0.23 -6.75
C GLN A 52 -24.66 -0.73 -5.89
N LYS A 53 -24.15 -1.95 -5.78
CA LYS A 53 -24.77 -2.97 -4.97
C LYS A 53 -24.63 -2.65 -3.48
N ILE A 54 -23.46 -2.18 -3.07
CA ILE A 54 -23.24 -1.75 -1.69
C ILE A 54 -24.14 -0.55 -1.35
N ASP A 55 -24.19 0.43 -2.26
CA ASP A 55 -25.06 1.59 -2.10
C ASP A 55 -26.51 1.18 -1.89
N ALA A 56 -26.92 0.13 -2.57
CA ALA A 56 -28.27 -0.41 -2.46
C ALA A 56 -28.45 -1.34 -1.26
N GLY A 57 -27.51 -1.33 -0.33
CA GLY A 57 -27.64 -2.11 0.91
C GLY A 57 -27.08 -3.53 0.93
N GLU A 58 -26.45 -3.96 -0.17
CA GLU A 58 -25.83 -5.29 -0.22
C GLU A 58 -24.36 -5.27 0.21
N PHE A 59 -24.09 -5.64 1.45
CA PHE A 59 -22.75 -5.61 2.04
C PHE A 59 -21.87 -6.75 1.55
N PRO A 60 -20.51 -6.57 1.62
CA PRO A 60 -19.63 -7.71 1.40
C PRO A 60 -20.04 -8.89 2.27
N LYS A 61 -19.88 -10.10 1.74
CA LYS A 61 -20.19 -11.32 2.49
C LYS A 61 -19.20 -12.45 2.16
N PHE A 62 -19.15 -13.47 3.02
CA PHE A 62 -18.40 -14.66 2.71
C PHE A 62 -19.17 -15.37 1.61
N LEU A 63 -18.56 -15.45 0.43
CA LEU A 63 -19.21 -15.90 -0.80
C LEU A 63 -19.66 -17.37 -0.73
N GLU A 64 -20.92 -17.63 -1.04
CA GLU A 64 -21.35 -19.03 -1.19
C GLU A 64 -20.63 -19.72 -2.37
N GLU A 65 -20.48 -18.99 -3.48
CA GLU A 65 -19.93 -19.61 -4.69
C GLU A 65 -18.53 -20.22 -4.49
N THR A 66 -17.75 -19.71 -3.52
CA THR A 66 -16.39 -20.18 -3.29
C THR A 66 -16.23 -20.98 -2.00
N LYS A 67 -17.33 -21.52 -1.48
CA LYS A 67 -17.30 -22.28 -0.23
C LYS A 67 -16.32 -23.41 -0.29
N ARG A 68 -16.25 -24.10 -1.42
CA ARG A 68 -15.36 -25.27 -1.57
C ARG A 68 -13.89 -24.93 -1.34
N ILE A 69 -13.48 -23.74 -1.77
CA ILE A 69 -12.10 -23.34 -1.58
C ILE A 69 -11.77 -23.20 -0.10
N ARG A 70 -12.67 -22.53 0.60
CA ARG A 70 -12.61 -22.39 2.05
C ARG A 70 -12.68 -23.71 2.85
N GLU A 71 -13.49 -24.69 2.43
CA GLU A 71 -13.56 -25.94 3.17
C GLU A 71 -12.36 -26.89 2.92
N ALA A 72 -11.82 -26.85 1.71
CA ALA A 72 -10.69 -27.65 1.28
C ALA A 72 -9.40 -27.37 2.10
N ASP A 73 -8.49 -28.35 2.09
CA ASP A 73 -7.33 -28.35 3.01
C ASP A 73 -6.00 -28.07 2.34
N TRP A 74 -5.98 -27.20 1.36
CA TRP A 74 -4.76 -26.97 0.62
C TRP A 74 -3.94 -25.97 1.43
N THR A 75 -2.74 -25.67 0.95
CA THR A 75 -1.89 -24.67 1.57
C THR A 75 -1.18 -23.97 0.43
N ILE A 76 -0.54 -22.83 0.70
CA ILE A 76 0.28 -22.23 -0.32
C ILE A 76 1.47 -23.10 -0.66
N ALA A 77 2.06 -22.86 -1.82
CA ALA A 77 3.27 -23.57 -2.18
C ALA A 77 4.39 -23.22 -1.16
N LYS A 78 5.46 -24.03 -1.12
CA LYS A 78 6.45 -23.89 -0.07
C LYS A 78 7.26 -22.62 -0.35
N LEU A 79 7.48 -21.88 0.71
CA LEU A 79 8.16 -20.57 0.65
C LEU A 79 9.64 -20.76 0.53
N PRO A 80 10.34 -19.82 -0.14
CA PRO A 80 11.79 -19.84 -0.06
C PRO A 80 12.27 -19.53 1.35
N LYS A 81 13.45 -20.04 1.68
CA LYS A 81 14.06 -19.86 2.97
C LYS A 81 14.17 -18.40 3.37
N ASP A 82 14.47 -17.51 2.40
CA ASP A 82 14.59 -16.10 2.73
C ASP A 82 13.22 -15.40 2.98
N LEU A 83 12.12 -16.17 2.91
CA LEU A 83 10.77 -15.65 3.29
C LEU A 83 10.19 -16.34 4.55
N GLU A 84 11.04 -17.14 5.19
CA GLU A 84 10.61 -17.92 6.38
C GLU A 84 10.52 -17.05 7.64
N ASP A 85 11.43 -16.08 7.78
CA ASP A 85 11.50 -15.25 8.99
C ASP A 85 11.40 -13.79 8.57
N ARG A 86 10.26 -13.18 8.88
CA ARG A 86 9.95 -11.86 8.34
C ARG A 86 9.62 -10.95 9.53
N ARG A 87 10.35 -11.10 10.65
CA ARG A 87 9.97 -10.49 11.91
C ARG A 87 9.83 -8.98 11.81
N VAL A 88 10.76 -8.37 11.06
CA VAL A 88 10.61 -6.94 10.80
C VAL A 88 10.76 -6.69 9.31
N GLU A 89 9.84 -5.90 8.76
CA GLU A 89 9.92 -5.42 7.37
C GLU A 89 9.99 -3.90 7.42
N ILE A 90 10.83 -3.28 6.60
CA ILE A 90 10.81 -1.83 6.50
C ILE A 90 10.26 -1.44 5.11
N THR A 91 9.59 -0.28 5.01
CA THR A 91 8.99 0.17 3.79
C THR A 91 9.70 1.48 3.42
N GLY A 92 9.84 1.76 2.14
CA GLY A 92 10.40 3.06 1.72
C GLY A 92 10.32 3.22 0.22
N PRO A 93 10.42 4.47 -0.28
CA PRO A 93 10.39 4.69 -1.72
C PRO A 93 11.66 4.23 -2.43
N VAL A 94 11.62 4.26 -3.77
CA VAL A 94 12.68 3.66 -4.60
C VAL A 94 13.71 4.74 -4.97
N ASP A 95 13.77 5.73 -4.10
CA ASP A 95 14.76 6.80 -4.09
C ASP A 95 16.13 6.18 -3.76
N ARG A 96 17.19 6.66 -4.40
CA ARG A 96 18.49 6.00 -4.27
C ARG A 96 19.00 5.92 -2.83
N LYS A 97 18.99 7.04 -2.10
CA LYS A 97 19.45 7.06 -0.73
C LYS A 97 18.56 6.23 0.21
N MET A 98 17.25 6.31 0.02
CA MET A 98 16.34 5.61 0.91
C MET A 98 16.43 4.11 0.72
N VAL A 99 16.61 3.69 -0.54
CA VAL A 99 16.85 2.25 -0.84
C VAL A 99 18.02 1.67 -0.06
N ILE A 100 19.15 2.36 -0.08
CA ILE A 100 20.32 1.92 0.68
C ILE A 100 20.07 1.89 2.18
N ASN A 101 19.49 2.97 2.71
CA ASN A 101 19.27 3.02 4.17
C ASN A 101 18.31 1.89 4.62
N ALA A 102 17.32 1.64 3.81
CA ALA A 102 16.34 0.59 4.13
C ALA A 102 16.99 -0.76 4.03
N LEU A 103 17.78 -0.99 2.97
CA LEU A 103 18.42 -2.32 2.82
C LEU A 103 19.43 -2.60 3.95
N ASN A 104 20.10 -1.56 4.42
CA ASN A 104 21.06 -1.70 5.51
C ASN A 104 20.47 -1.63 6.93
N SER A 105 19.15 -1.46 7.06
CA SER A 105 18.48 -1.11 8.30
C SER A 105 18.48 -2.17 9.39
N GLY A 106 18.71 -3.41 8.97
CA GLY A 106 18.67 -4.57 9.88
C GLY A 106 17.32 -5.23 9.80
N ALA A 107 16.40 -4.62 9.06
CA ALA A 107 15.11 -5.30 8.76
C ALA A 107 15.39 -6.60 7.99
N HIS A 108 14.55 -7.62 8.19
CA HIS A 108 14.68 -8.81 7.41
C HIS A 108 14.31 -8.63 5.93
N LEU A 109 13.30 -7.81 5.68
CA LEU A 109 12.82 -7.49 4.32
C LEU A 109 12.64 -6.00 4.13
N PHE A 110 12.85 -5.56 2.90
CA PHE A 110 12.63 -4.18 2.49
C PHE A 110 11.63 -4.13 1.34
N MET A 111 10.50 -3.50 1.59
CA MET A 111 9.50 -3.38 0.57
C MET A 111 9.81 -2.09 -0.15
N ALA A 112 10.37 -2.21 -1.34
CA ALA A 112 10.84 -1.06 -2.15
C ALA A 112 9.57 -0.59 -2.86
N ASP A 113 9.22 0.69 -2.75
CA ASP A 113 7.83 1.10 -2.99
C ASP A 113 7.74 1.94 -4.24
N PHE A 114 7.00 1.50 -5.26
CA PHE A 114 6.63 2.33 -6.42
C PHE A 114 5.26 2.98 -6.23
N GLU A 115 4.62 2.58 -5.14
CA GLU A 115 3.22 2.87 -4.89
C GLU A 115 3.04 4.00 -3.88
N ASP A 116 2.38 3.71 -2.77
CA ASP A 116 1.94 4.80 -1.84
C ASP A 116 2.97 5.80 -1.34
N SER A 117 4.21 5.37 -1.10
CA SER A 117 5.27 6.31 -0.62
C SER A 117 6.14 6.87 -1.72
N ASN A 118 5.72 6.57 -2.95
CA ASN A 118 6.44 7.05 -4.12
C ASN A 118 5.56 8.02 -4.88
N SER A 119 6.07 9.22 -5.14
CA SER A 119 5.37 10.12 -6.06
C SER A 119 5.61 9.64 -7.50
N PRO A 120 4.52 9.36 -8.27
CA PRO A 120 4.70 8.60 -9.50
C PRO A 120 5.17 9.47 -10.68
N THR A 121 6.19 10.31 -10.44
CA THR A 121 6.77 11.02 -11.59
C THR A 121 7.44 10.01 -12.53
N TRP A 122 7.59 10.41 -13.80
CA TRP A 122 8.33 9.62 -14.78
C TRP A 122 9.74 9.40 -14.30
N GLU A 123 10.39 10.47 -13.82
CA GLU A 123 11.72 10.33 -13.26
C GLU A 123 11.76 9.32 -12.12
N ASN A 124 10.82 9.42 -11.20
CA ASN A 124 10.88 8.48 -10.07
C ASN A 124 10.62 7.08 -10.55
N ALA A 125 9.78 6.94 -11.55
CA ALA A 125 9.37 5.56 -11.97
C ALA A 125 10.53 4.82 -12.66
N ILE A 126 11.32 5.56 -13.44
CA ILE A 126 12.41 4.95 -14.17
C ILE A 126 13.70 4.97 -13.35
N GLU A 127 14.01 6.10 -12.71
CA GLU A 127 15.12 6.11 -11.76
C GLU A 127 14.92 5.03 -10.67
N GLY A 128 13.70 4.86 -10.19
CA GLY A 128 13.40 3.75 -9.31
C GLY A 128 13.96 2.44 -9.78
N GLN A 129 13.61 2.04 -11.00
CA GLN A 129 14.17 0.82 -11.65
C GLN A 129 15.71 0.84 -11.79
N ILE A 130 16.30 1.97 -12.17
CA ILE A 130 17.74 2.03 -12.20
C ILE A 130 18.31 1.68 -10.82
N ASN A 131 17.73 2.28 -9.79
CA ASN A 131 18.19 2.15 -8.42
C ASN A 131 18.02 0.71 -7.99
N LEU A 132 16.87 0.15 -8.25
CA LEU A 132 16.74 -1.28 -7.87
C LEU A 132 17.67 -2.24 -8.63
N ARG A 133 17.86 -2.00 -9.92
CA ARG A 133 18.79 -2.75 -10.73
C ARG A 133 20.21 -2.65 -10.12
N ASP A 134 20.67 -1.42 -9.82
CA ASP A 134 21.95 -1.25 -9.15
C ASP A 134 22.01 -1.90 -7.76
N ALA A 135 20.90 -1.94 -7.04
CA ALA A 135 20.88 -2.54 -5.71
C ALA A 135 21.07 -4.06 -5.86
N VAL A 136 20.35 -4.67 -6.79
CA VAL A 136 20.47 -6.12 -7.00
C VAL A 136 21.92 -6.53 -7.41
N LYS A 137 22.56 -5.67 -8.22
CA LYS A 137 23.97 -5.83 -8.69
C LYS A 137 25.00 -5.52 -7.62
N GLY A 138 24.67 -4.62 -6.70
CA GLY A 138 25.56 -4.26 -5.59
C GLY A 138 26.32 -3.00 -5.91
N THR A 139 25.98 -2.37 -7.03
CA THR A 139 26.73 -1.18 -7.46
C THR A 139 26.02 0.09 -7.01
N ILE A 140 24.83 -0.05 -6.41
CA ILE A 140 24.08 1.15 -5.95
C ILE A 140 24.89 1.95 -4.94
N SER A 141 24.89 3.26 -5.10
CA SER A 141 25.56 4.10 -4.14
C SER A 141 24.90 5.47 -4.12
N HIS A 142 24.98 6.15 -2.98
CA HIS A 142 24.50 7.52 -2.93
C HIS A 142 25.64 8.44 -2.52
N LYS A 143 26.01 9.35 -3.41
CA LYS A 143 27.08 10.32 -3.14
C LYS A 143 26.60 11.64 -2.52
N ASN A 144 27.14 11.95 -1.34
CA ASN A 144 27.01 13.24 -0.67
C ASN A 144 27.99 14.25 -1.23
N GLU A 145 27.65 15.53 -1.15
CA GLU A 145 28.61 16.56 -1.53
C GLU A 145 29.83 16.60 -0.60
N ASN A 146 29.68 16.13 0.63
CA ASN A 146 30.81 16.10 1.57
C ASN A 146 31.78 14.94 1.27
N GLY A 147 31.48 14.14 0.25
CA GLY A 147 32.36 13.04 -0.12
C GLY A 147 31.85 11.68 0.28
N LYS A 148 30.94 11.63 1.25
CA LYS A 148 30.41 10.34 1.70
C LYS A 148 29.73 9.65 0.53
N GLU A 149 29.73 8.32 0.52
CA GLU A 149 29.09 7.57 -0.54
C GLU A 149 28.58 6.26 0.02
N TYR A 150 27.31 6.25 0.33
CA TYR A 150 26.70 5.15 1.03
C TYR A 150 26.58 3.97 0.08
N ARG A 151 26.93 2.76 0.55
CA ARG A 151 26.67 1.51 -0.20
C ARG A 151 26.03 0.42 0.66
N LEU A 152 25.77 -0.71 0.05
CA LEU A 152 25.00 -1.78 0.72
C LEU A 152 25.86 -2.73 1.55
N ASN A 153 25.37 -3.11 2.73
CA ASN A 153 25.94 -4.24 3.46
C ASN A 153 25.96 -5.47 2.55
N SER A 154 26.87 -6.40 2.81
CA SER A 154 27.02 -7.52 1.88
C SER A 154 25.84 -8.44 2.05
N LYS A 155 25.21 -8.36 3.21
CA LYS A 155 23.94 -9.05 3.43
C LYS A 155 22.90 -7.98 3.78
N THR A 156 21.90 -7.85 2.94
CA THR A 156 20.90 -6.78 3.14
C THR A 156 19.57 -7.39 3.57
N ALA A 157 18.58 -6.54 3.88
CA ALA A 157 17.18 -7.03 3.92
C ALA A 157 16.84 -7.61 2.54
N VAL A 158 15.94 -8.61 2.52
CA VAL A 158 15.45 -9.22 1.29
C VAL A 158 14.57 -8.21 0.55
N LEU A 159 14.82 -8.03 -0.73
CA LEU A 159 14.09 -7.04 -1.52
C LEU A 159 12.73 -7.58 -1.94
N ILE A 160 11.70 -6.76 -1.72
CA ILE A 160 10.34 -7.02 -2.23
C ILE A 160 9.83 -5.75 -2.86
N VAL A 161 9.22 -5.84 -4.03
CA VAL A 161 8.80 -4.58 -4.68
C VAL A 161 7.28 -4.37 -4.62
N ARG A 162 6.84 -3.15 -4.26
CA ARG A 162 5.42 -2.82 -4.41
C ARG A 162 5.16 -1.93 -5.61
N PRO A 163 4.48 -2.46 -6.64
CA PRO A 163 4.10 -1.66 -7.80
C PRO A 163 2.86 -0.84 -7.50
N ARG A 164 2.57 0.09 -8.40
CA ARG A 164 1.33 0.83 -8.31
C ARG A 164 0.15 -0.15 -8.36
N GLY A 165 -0.96 0.22 -7.72
CA GLY A 165 -2.22 -0.54 -7.76
C GLY A 165 -2.91 -0.48 -9.10
N TRP A 166 -3.91 -1.33 -9.25
CA TRP A 166 -4.61 -1.49 -10.51
C TRP A 166 -5.33 -0.27 -11.11
N HIS A 167 -5.54 0.80 -10.32
CA HIS A 167 -6.35 1.93 -10.76
C HIS A 167 -5.38 2.96 -11.39
N LEU A 168 -4.08 2.75 -11.25
CA LEU A 168 -3.12 3.72 -11.84
C LEU A 168 -2.52 3.33 -13.18
N GLU A 169 -2.36 4.34 -14.04
CA GLU A 169 -1.79 4.21 -15.36
C GLU A 169 -0.49 4.92 -15.39
N GLU A 170 0.33 4.49 -16.35
CA GLU A 170 1.62 5.11 -16.58
C GLU A 170 1.43 5.90 -17.85
N LYS A 171 1.19 7.20 -17.73
CA LYS A 171 0.78 7.98 -18.91
C LYS A 171 1.93 8.26 -19.88
N HIS A 172 3.15 7.86 -19.50
CA HIS A 172 4.34 8.21 -20.30
C HIS A 172 4.75 7.15 -21.33
N MET A 173 4.08 6.00 -21.31
CA MET A 173 4.21 4.99 -22.35
C MET A 173 2.83 4.53 -22.73
N GLN A 174 2.61 4.40 -24.02
CA GLN A 174 1.33 4.01 -24.55
C GLN A 174 1.49 2.88 -25.52
N VAL A 175 0.43 2.10 -25.64
CA VAL A 175 0.34 1.05 -26.65
C VAL A 175 -0.93 1.34 -27.47
N ASP A 176 -0.74 1.75 -28.73
CA ASP A 176 -1.86 2.17 -29.60
C ASP A 176 -2.67 3.28 -28.96
N GLY A 177 -1.98 4.29 -28.43
CA GLY A 177 -2.65 5.39 -27.78
C GLY A 177 -3.21 5.17 -26.38
N LYS A 178 -3.27 3.94 -25.89
CA LYS A 178 -3.84 3.66 -24.58
C LYS A 178 -2.67 3.65 -23.59
N ASN A 179 -2.75 4.42 -22.52
CA ASN A 179 -1.78 4.37 -21.40
C ASN A 179 -1.55 2.93 -20.91
N MET A 180 -0.29 2.62 -20.57
CA MET A 180 0.07 1.34 -19.94
C MET A 180 -0.43 1.35 -18.49
N SER A 181 -0.63 0.15 -17.94
CA SER A 181 -0.88 -0.04 -16.54
C SER A 181 0.35 0.29 -15.68
N GLY A 182 0.22 1.16 -14.69
CA GLY A 182 1.29 1.40 -13.73
C GLY A 182 1.71 0.13 -13.05
N SER A 183 0.75 -0.70 -12.69
CA SER A 183 1.16 -1.94 -12.11
C SER A 183 2.14 -2.75 -12.99
N LEU A 184 1.77 -2.90 -14.25
CA LEU A 184 2.45 -3.81 -15.20
C LEU A 184 3.76 -3.23 -15.52
N VAL A 185 3.85 -1.89 -15.56
CA VAL A 185 5.13 -1.30 -15.81
C VAL A 185 6.09 -1.46 -14.66
N ASP A 186 5.65 -1.18 -13.45
CA ASP A 186 6.50 -1.30 -12.25
C ASP A 186 6.93 -2.78 -12.02
N PHE A 187 5.95 -3.68 -12.06
CA PHE A 187 6.27 -5.09 -11.96
C PHE A 187 7.15 -5.61 -13.11
N GLY A 188 6.73 -5.31 -14.35
CA GLY A 188 7.42 -5.80 -15.56
C GLY A 188 8.88 -5.42 -15.67
N LEU A 189 9.18 -4.14 -15.50
CA LEU A 189 10.58 -3.77 -15.57
C LEU A 189 11.50 -4.36 -14.49
N TYR A 190 10.96 -4.52 -13.27
CA TYR A 190 11.77 -5.02 -12.17
C TYR A 190 12.00 -6.49 -12.39
N PHE A 191 10.93 -7.20 -12.73
CA PHE A 191 11.00 -8.63 -13.09
C PHE A 191 11.98 -8.92 -14.25
N PHE A 192 11.80 -8.17 -15.34
CA PHE A 192 12.60 -8.39 -16.53
C PHE A 192 14.06 -8.25 -16.16
N HIS A 193 14.39 -7.13 -15.54
CA HIS A 193 15.79 -6.81 -15.35
C HIS A 193 16.43 -7.55 -14.20
N ASN A 194 15.64 -8.10 -13.28
CA ASN A 194 16.24 -8.66 -12.06
C ASN A 194 15.90 -10.08 -11.70
N ALA A 195 14.92 -10.72 -12.33
CA ALA A 195 14.51 -12.05 -11.85
C ALA A 195 15.68 -13.04 -11.85
N LYS A 196 16.42 -13.07 -12.97
CA LYS A 196 17.47 -14.07 -13.08
C LYS A 196 18.60 -13.78 -12.11
N ALA A 197 18.98 -12.51 -11.95
CA ALA A 197 20.01 -12.19 -10.96
C ALA A 197 19.59 -12.53 -9.53
N LEU A 198 18.33 -12.25 -9.21
CA LEU A 198 17.82 -12.58 -7.90
C LEU A 198 17.88 -14.07 -7.64
N LEU A 199 17.54 -14.84 -8.66
CA LEU A 199 17.60 -16.31 -8.53
C LEU A 199 19.05 -16.78 -8.29
N GLU A 200 19.98 -16.14 -8.97
CA GLU A 200 21.37 -16.59 -8.89
C GLU A 200 21.95 -16.33 -7.53
N LYS A 201 21.41 -15.35 -6.79
CA LYS A 201 21.96 -15.03 -5.46
C LYS A 201 21.20 -15.77 -4.39
N GLY A 202 20.30 -16.64 -4.82
CA GLY A 202 19.55 -17.51 -3.94
C GLY A 202 18.29 -16.91 -3.40
N SER A 203 17.88 -15.76 -3.94
CA SER A 203 16.60 -15.15 -3.62
C SER A 203 15.62 -15.35 -4.79
N GLY A 204 14.79 -14.35 -5.06
CA GLY A 204 13.84 -14.45 -6.17
C GLY A 204 13.14 -13.15 -6.41
N PRO A 205 12.30 -13.09 -7.47
CA PRO A 205 11.43 -11.93 -7.78
C PRO A 205 10.22 -11.95 -6.85
N TYR A 206 10.24 -11.08 -5.84
CA TYR A 206 9.19 -11.02 -4.80
C TYR A 206 8.42 -9.74 -4.89
N PHE A 207 7.13 -9.84 -4.67
CA PHE A 207 6.24 -8.62 -4.76
C PHE A 207 5.28 -8.41 -3.58
N TYR A 208 4.96 -7.15 -3.33
CA TYR A 208 3.91 -6.70 -2.41
C TYR A 208 2.74 -6.15 -3.22
N LEU A 209 1.62 -6.87 -3.23
CA LEU A 209 0.53 -6.47 -4.11
C LEU A 209 -0.54 -5.61 -3.44
N PRO A 210 -0.71 -4.36 -3.89
CA PRO A 210 -1.59 -3.45 -3.13
C PRO A 210 -3.07 -3.34 -3.52
N LYS A 211 -3.89 -2.89 -2.55
CA LYS A 211 -5.25 -2.35 -2.78
C LYS A 211 -6.27 -3.25 -3.51
N MET A 212 -6.05 -4.56 -3.53
CA MET A 212 -6.98 -5.40 -4.27
C MET A 212 -8.32 -5.45 -3.56
N GLU A 213 -9.39 -5.59 -4.37
CA GLU A 213 -10.77 -5.57 -3.85
C GLU A 213 -11.54 -6.88 -4.11
N SER A 214 -10.87 -7.83 -4.76
CA SER A 214 -11.56 -9.05 -5.21
C SER A 214 -10.57 -10.16 -5.51
N TYR A 215 -10.95 -11.44 -5.30
CA TYR A 215 -10.05 -12.46 -5.70
C TYR A 215 -9.77 -12.45 -7.21
N LEU A 216 -10.62 -11.81 -8.00
CA LEU A 216 -10.44 -11.88 -9.44
C LEU A 216 -9.28 -11.02 -9.74
N GLU A 217 -9.08 -10.01 -8.89
CA GLU A 217 -7.91 -9.15 -9.06
C GLU A 217 -6.65 -9.93 -8.65
N ALA A 218 -6.83 -10.95 -7.78
CA ALA A 218 -5.70 -11.79 -7.35
C ALA A 218 -5.33 -12.70 -8.50
N ARG A 219 -6.37 -13.31 -9.10
CA ARG A 219 -6.20 -14.10 -10.36
C ARG A 219 -5.44 -13.35 -11.46
N LEU A 220 -5.81 -12.08 -11.63
CA LEU A 220 -5.10 -11.28 -12.63
C LEU A 220 -3.61 -11.25 -12.37
N TRP A 221 -3.19 -10.86 -11.16
CA TRP A 221 -1.78 -11.00 -10.79
C TRP A 221 -1.21 -12.40 -11.03
N ASN A 222 -1.96 -13.46 -10.68
CA ASN A 222 -1.41 -14.75 -10.86
C ASN A 222 -1.09 -15.03 -12.35
N ASP A 223 -2.00 -14.60 -13.21
CA ASP A 223 -1.94 -14.86 -14.62
C ASP A 223 -0.77 -14.08 -15.18
N VAL A 224 -0.55 -12.86 -14.65
CA VAL A 224 0.65 -12.05 -15.01
C VAL A 224 1.94 -12.79 -14.68
N PHE A 225 1.99 -13.40 -13.48
CA PHE A 225 3.17 -14.11 -13.03
C PHE A 225 3.47 -15.30 -13.96
N VAL A 226 2.44 -16.13 -14.22
CA VAL A 226 2.55 -17.27 -15.13
C VAL A 226 3.12 -16.90 -16.48
N PHE A 227 2.53 -15.91 -17.11
CA PHE A 227 3.03 -15.41 -18.37
C PHE A 227 4.50 -14.94 -18.27
N ALA A 228 4.79 -14.15 -17.24
CA ALA A 228 6.13 -13.58 -17.06
C ALA A 228 7.24 -14.60 -16.92
N GLN A 229 7.00 -15.61 -16.11
CA GLN A 229 7.94 -16.70 -15.84
C GLN A 229 8.15 -17.46 -17.14
N LYS A 230 7.06 -17.75 -17.85
CA LYS A 230 7.16 -18.47 -19.10
C LYS A 230 7.97 -17.61 -20.06
N TYR A 231 7.70 -16.32 -20.10
CA TYR A 231 8.35 -15.43 -21.05
C TYR A 231 9.88 -15.43 -20.92
N ILE A 232 10.38 -15.43 -19.69
CA ILE A 232 11.82 -15.43 -19.52
C ILE A 232 12.34 -16.83 -19.28
N GLY A 233 11.44 -17.78 -19.18
CA GLY A 233 11.83 -19.16 -19.06
C GLY A 233 12.38 -19.55 -17.71
N ILE A 234 11.73 -19.11 -16.64
CA ILE A 234 12.01 -19.69 -15.32
CA ILE A 234 11.99 -19.67 -15.31
C ILE A 234 10.72 -20.46 -14.93
N PRO A 235 10.83 -21.38 -13.94
CA PRO A 235 9.66 -22.23 -13.68
C PRO A 235 8.47 -21.52 -13.01
N ASN A 236 7.28 -22.04 -13.26
CA ASN A 236 6.13 -21.51 -12.54
C ASN A 236 6.44 -21.62 -11.02
N GLY A 237 5.83 -20.77 -10.20
CA GLY A 237 5.95 -20.95 -8.75
C GLY A 237 7.20 -20.34 -8.18
N THR A 238 7.84 -19.46 -8.95
CA THR A 238 9.10 -18.87 -8.56
C THR A 238 8.90 -17.47 -7.99
N ILE A 239 8.04 -16.70 -8.67
CA ILE A 239 7.60 -15.37 -8.15
C ILE A 239 6.84 -15.63 -6.85
N LYS A 240 7.16 -14.83 -5.83
CA LYS A 240 6.46 -14.89 -4.53
C LYS A 240 5.85 -13.54 -4.23
N ALA A 241 4.55 -13.52 -4.00
CA ALA A 241 3.87 -12.24 -3.74
C ALA A 241 3.15 -12.20 -2.41
N THR A 242 3.48 -11.21 -1.59
CA THR A 242 2.65 -10.91 -0.42
C THR A 242 1.52 -9.97 -0.81
N VAL A 243 0.29 -10.33 -0.44
CA VAL A 243 -0.88 -9.45 -0.69
C VAL A 243 -1.14 -8.50 0.50
N LEU A 244 -1.09 -7.18 0.26
CA LEU A 244 -1.63 -6.25 1.26
C LEU A 244 -3.15 -6.42 1.38
N LEU A 245 -3.62 -7.03 2.47
CA LEU A 245 -5.04 -7.24 2.64
C LEU A 245 -5.48 -5.94 3.30
N GLU A 246 -5.90 -4.97 2.49
CA GLU A 246 -6.01 -3.59 2.92
C GLU A 246 -7.27 -2.89 2.39
N THR A 247 -8.31 -3.67 2.05
CA THR A 247 -9.57 -3.08 1.64
C THR A 247 -10.61 -3.82 2.32
N ILE A 248 -11.70 -3.16 2.72
CA ILE A 248 -12.80 -3.92 3.41
C ILE A 248 -13.32 -5.07 2.54
N HIS A 249 -13.41 -4.85 1.23
CA HIS A 249 -13.87 -5.87 0.28
C HIS A 249 -13.04 -7.14 0.45
N ALA A 250 -11.72 -6.99 0.47
CA ALA A 250 -10.83 -8.17 0.58
C ALA A 250 -10.96 -9.01 1.89
N SER A 251 -11.41 -8.41 2.99
CA SER A 251 -11.51 -9.12 4.27
C SER A 251 -12.50 -10.26 4.17
N PHE A 252 -13.38 -10.16 3.17
CA PHE A 252 -14.42 -11.22 2.96
C PHE A 252 -13.97 -12.23 1.92
N GLU A 253 -12.82 -11.95 1.29
CA GLU A 253 -12.25 -12.84 0.29
C GLU A 253 -10.77 -13.27 0.50
N MET A 254 -10.30 -13.23 1.76
CA MET A 254 -8.89 -13.52 2.08
C MET A 254 -8.46 -14.89 1.61
N ASP A 255 -9.27 -15.91 1.94
CA ASP A 255 -8.90 -17.26 1.57
C ASP A 255 -8.83 -17.44 0.04
N GLU A 256 -9.78 -16.82 -0.66
CA GLU A 256 -9.93 -16.89 -2.10
C GLU A 256 -8.78 -16.20 -2.79
N ILE A 257 -8.41 -15.06 -2.24
CA ILE A 257 -7.23 -14.34 -2.68
C ILE A 257 -5.93 -15.17 -2.58
N LEU A 258 -5.64 -15.75 -1.42
CA LEU A 258 -4.51 -16.69 -1.30
C LEU A 258 -4.63 -17.86 -2.27
N TYR A 259 -5.85 -18.38 -2.45
CA TYR A 259 -6.04 -19.48 -3.40
C TYR A 259 -5.69 -19.15 -4.85
N GLU A 260 -6.12 -17.98 -5.33
CA GLU A 260 -5.85 -17.61 -6.71
C GLU A 260 -4.34 -17.45 -6.90
N LEU A 261 -3.62 -17.19 -5.81
CA LEU A 261 -2.20 -16.91 -5.90
C LEU A 261 -1.34 -18.03 -5.29
N LYS A 262 -1.92 -19.21 -5.10
CA LYS A 262 -1.32 -20.07 -4.16
C LYS A 262 0.07 -20.58 -4.49
N ASP A 263 0.37 -20.71 -5.77
CA ASP A 263 1.66 -21.20 -6.21
C ASP A 263 2.71 -20.09 -6.12
N HIS A 264 2.24 -18.84 -6.03
CA HIS A 264 3.10 -17.65 -5.96
C HIS A 264 2.82 -16.81 -4.70
N SER A 265 2.31 -17.44 -3.66
CA SER A 265 1.94 -16.69 -2.47
C SER A 265 2.95 -16.67 -1.36
N ALA A 266 3.18 -15.49 -0.78
CA ALA A 266 3.90 -15.37 0.51
C ALA A 266 2.99 -14.72 1.56
N GLY A 267 1.70 -15.00 1.48
CA GLY A 267 0.80 -14.65 2.57
C GLY A 267 0.21 -13.26 2.49
N LEU A 268 -0.19 -12.73 3.64
CA LEU A 268 -0.86 -11.43 3.70
C LEU A 268 -0.25 -10.50 4.72
N ASN A 269 -0.64 -9.23 4.62
CA ASN A 269 -0.18 -8.12 5.44
C ASN A 269 -1.39 -7.21 5.76
N CYS A 270 -1.48 -6.81 7.04
CA CYS A 270 -2.53 -5.89 7.61
C CYS A 270 -2.07 -4.48 7.59
N GLY A 271 -2.99 -3.56 7.33
CA GLY A 271 -2.67 -2.15 7.36
C GLY A 271 -3.62 -1.37 8.27
N ARG A 272 -3.37 -0.08 8.38
CA ARG A 272 -4.27 0.72 9.15
C ARG A 272 -4.98 1.68 8.22
N TRP A 273 -4.26 2.68 7.71
CA TRP A 273 -4.89 3.76 6.97
C TRP A 273 -5.55 3.40 5.64
N ASP A 274 -4.97 2.50 4.84
CA ASP A 274 -5.57 2.17 3.55
C ASP A 274 -6.84 1.44 3.82
N TYR A 275 -6.79 0.58 4.82
CA TYR A 275 -7.99 -0.20 5.19
C TYR A 275 -9.14 0.64 5.78
N ILE A 276 -8.82 1.53 6.73
CA ILE A 276 -9.86 2.44 7.24
C ILE A 276 -10.40 3.35 6.11
N PHE A 277 -9.49 3.92 5.31
CA PHE A 277 -9.90 4.62 4.10
C PHE A 277 -10.91 3.79 3.25
N SER A 278 -10.60 2.53 2.99
CA SER A 278 -11.40 1.64 2.14
C SER A 278 -12.78 1.49 2.75
N PHE A 279 -12.79 1.30 4.08
CA PHE A 279 -14.04 1.10 4.87
C PHE A 279 -14.94 2.36 4.72
N LEU A 280 -14.35 3.55 4.93
CA LEU A 280 -15.07 4.79 4.74
C LEU A 280 -15.55 4.93 3.32
N LYS A 281 -14.68 4.66 2.34
CA LYS A 281 -15.01 4.89 0.92
C LYS A 281 -16.14 3.99 0.52
N ALA A 282 -16.08 2.71 0.93
CA ALA A 282 -17.11 1.77 0.51
C ALA A 282 -18.46 2.14 1.10
N PHE A 283 -18.47 2.51 2.36
CA PHE A 283 -19.71 2.78 3.10
C PHE A 283 -20.01 4.29 3.26
N ARG A 284 -19.53 5.10 2.31
CA ARG A 284 -19.61 6.55 2.42
C ARG A 284 -21.06 7.02 2.29
N ASN A 285 -21.92 6.15 1.74
CA ASN A 285 -23.35 6.50 1.53
C ASN A 285 -24.24 5.88 2.56
N HIS A 286 -23.60 5.21 3.51
CA HIS A 286 -24.30 4.73 4.66
C HIS A 286 -24.19 5.64 5.89
N ASN A 287 -25.33 6.17 6.32
CA ASN A 287 -25.38 7.16 7.37
C ASN A 287 -24.80 6.76 8.75
N GLU A 288 -24.89 5.49 9.12
CA GLU A 288 -24.39 5.05 10.42
C GLU A 288 -22.87 4.80 10.47
N PHE A 289 -22.22 4.78 9.31
CA PHE A 289 -20.79 4.51 9.22
C PHE A 289 -19.95 5.76 9.43
N LEU A 290 -20.36 6.60 10.37
CA LEU A 290 -19.61 7.80 10.71
C LEU A 290 -18.43 7.39 11.56
N LEU A 291 -17.26 7.92 11.25
CA LEU A 291 -16.04 7.57 12.00
C LEU A 291 -15.59 8.68 12.95
N PRO A 292 -14.97 8.28 14.06
CA PRO A 292 -14.33 9.23 14.96
C PRO A 292 -12.97 9.69 14.41
N ASP A 293 -12.29 10.58 15.12
CA ASP A 293 -10.91 10.90 14.82
C ASP A 293 -10.15 9.64 14.44
N ARG A 294 -9.40 9.68 13.34
CA ARG A 294 -8.66 8.47 12.89
C ARG A 294 -7.67 7.96 13.94
N ALA A 295 -7.10 8.87 14.71
CA ALA A 295 -6.24 8.44 15.82
C ALA A 295 -6.90 7.47 16.81
N GLN A 296 -8.23 7.48 16.91
CA GLN A 296 -8.96 6.69 17.92
C GLN A 296 -9.33 5.34 17.35
N VAL A 297 -9.14 5.22 16.04
CA VAL A 297 -9.42 3.97 15.34
C VAL A 297 -8.13 3.16 15.27
N THR A 298 -7.81 2.48 16.35
CA THR A 298 -6.54 1.78 16.46
C THR A 298 -6.77 0.30 16.22
N MET A 299 -5.70 -0.49 16.28
CA MET A 299 -5.82 -1.93 15.99
C MET A 299 -6.63 -2.72 17.00
N THR A 300 -6.96 -2.10 18.14
CA THR A 300 -7.85 -2.72 19.14
C THR A 300 -9.32 -2.38 18.90
N ALA A 301 -9.62 -1.42 18.02
CA ALA A 301 -11.03 -1.17 17.66
C ALA A 301 -11.66 -2.48 17.19
N PRO A 302 -12.88 -2.79 17.65
CA PRO A 302 -13.37 -4.15 17.34
C PRO A 302 -13.26 -4.61 15.85
N PHE A 303 -13.70 -3.80 14.88
CA PHE A 303 -13.63 -4.23 13.46
C PHE A 303 -12.18 -4.42 12.99
N MET A 304 -11.25 -3.63 13.53
CA MET A 304 -9.85 -3.82 13.18
C MET A 304 -9.24 -5.06 13.82
N ARG A 305 -9.65 -5.38 15.05
CA ARG A 305 -9.28 -6.59 15.77
C ARG A 305 -9.73 -7.85 15.04
N ALA A 306 -11.00 -7.87 14.64
CA ALA A 306 -11.58 -8.93 13.81
C ALA A 306 -10.80 -9.17 12.50
N TYR A 307 -10.50 -8.07 11.79
CA TYR A 307 -9.64 -8.04 10.62
C TYR A 307 -8.27 -8.70 10.84
N SER A 308 -7.50 -8.21 11.82
CA SER A 308 -6.18 -8.78 12.10
CA SER A 308 -6.17 -8.76 12.15
C SER A 308 -6.28 -10.26 12.44
N LEU A 309 -7.25 -10.58 13.27
CA LEU A 309 -7.30 -11.97 13.72
C LEU A 309 -7.67 -12.86 12.56
N LYS A 310 -8.59 -12.40 11.72
CA LYS A 310 -9.01 -13.20 10.58
C LYS A 310 -7.83 -13.37 9.59
N VAL A 311 -7.06 -12.30 9.36
CA VAL A 311 -5.85 -12.46 8.57
C VAL A 311 -4.87 -13.53 9.10
N ILE A 312 -4.69 -13.57 10.42
CA ILE A 312 -3.74 -14.46 11.05
C ILE A 312 -4.30 -15.86 10.88
N GLN A 313 -5.58 -15.96 11.17
CA GLN A 313 -6.17 -17.32 11.17
C GLN A 313 -6.18 -17.89 9.72
N THR A 314 -6.55 -17.06 8.74
CA THR A 314 -6.58 -17.50 7.37
C THR A 314 -5.19 -17.86 6.83
N CYS A 315 -4.24 -16.94 7.01
CA CYS A 315 -2.90 -17.18 6.57
C CYS A 315 -2.38 -18.49 7.18
N HIS A 316 -2.43 -18.62 8.51
CA HIS A 316 -1.73 -19.74 9.19
C HIS A 316 -2.39 -21.04 8.78
N ARG A 317 -3.66 -20.93 8.46
CA ARG A 317 -4.41 -22.15 8.03
C ARG A 317 -3.86 -22.73 6.70
N ARG A 318 -3.36 -21.82 5.86
CA ARG A 318 -2.80 -22.15 4.55
C ARG A 318 -1.26 -22.17 4.59
N ASN A 319 -0.71 -22.17 5.82
CA ASN A 319 0.73 -22.32 6.10
C ASN A 319 1.46 -21.13 5.53
N ALA A 320 0.82 -19.97 5.61
CA ALA A 320 1.44 -18.70 5.05
C ALA A 320 1.70 -17.69 6.15
N PRO A 321 2.67 -16.75 5.93
CA PRO A 321 2.86 -15.69 6.91
C PRO A 321 1.74 -14.67 6.91
N ALA A 322 1.58 -14.00 8.05
CA ALA A 322 0.61 -12.97 8.28
C ALA A 322 1.39 -11.83 8.92
N ILE A 323 1.65 -10.82 8.15
CA ILE A 323 2.47 -9.68 8.58
C ILE A 323 1.58 -8.54 9.14
N GLY A 324 2.03 -7.88 10.21
CA GLY A 324 1.25 -6.82 10.84
C GLY A 324 1.44 -5.50 10.13
N GLU A 344 6.44 3.58 23.58
CA GLU A 344 5.51 2.92 24.49
C GLU A 344 4.31 2.32 23.77
N LYS A 345 3.41 3.17 23.26
CA LYS A 345 2.21 2.68 22.57
C LYS A 345 2.60 1.86 21.32
N VAL A 346 3.64 2.32 20.62
CA VAL A 346 4.27 1.57 19.52
C VAL A 346 4.71 0.19 20.01
N ARG A 347 5.47 0.16 21.11
CA ARG A 347 5.88 -1.10 21.71
C ARG A 347 4.71 -1.97 22.17
N ALA A 348 3.68 -1.38 22.79
CA ALA A 348 2.47 -2.13 23.17
C ALA A 348 1.78 -2.72 21.94
N ASP A 349 1.75 -1.93 20.89
CA ASP A 349 1.15 -2.30 19.63
C ASP A 349 1.88 -3.50 19.00
N LYS A 350 3.20 -3.43 18.86
CA LYS A 350 3.96 -4.55 18.28
C LYS A 350 3.83 -5.75 19.18
N GLU A 351 3.83 -5.51 20.49
CA GLU A 351 3.71 -6.62 21.44
C GLU A 351 2.36 -7.35 21.24
N ARG A 352 1.28 -6.58 21.09
CA ARG A 352 -0.04 -7.15 20.76
C ARG A 352 0.00 -7.99 19.46
N GLU A 353 0.63 -7.45 18.43
CA GLU A 353 0.73 -8.21 17.15
C GLU A 353 1.44 -9.52 17.30
N ALA A 354 2.58 -9.52 17.97
CA ALA A 354 3.28 -10.77 18.20
C ALA A 354 2.44 -11.75 19.04
N LEU A 355 1.83 -11.26 20.12
CA LEU A 355 1.03 -12.15 20.98
C LEU A 355 -0.14 -12.71 20.21
N ASP A 356 -0.73 -11.88 19.36
CA ASP A 356 -1.87 -12.30 18.55
C ASP A 356 -1.52 -13.38 17.53
N GLY A 357 -0.26 -13.38 17.06
CA GLY A 357 0.21 -14.40 16.11
C GLY A 357 0.82 -13.88 14.81
N HIS A 358 0.88 -12.57 14.62
CA HIS A 358 1.54 -12.09 13.43
C HIS A 358 2.97 -12.60 13.38
N ASP A 359 3.45 -12.92 12.18
CA ASP A 359 4.78 -13.45 11.93
C ASP A 359 5.78 -12.36 11.78
N GLY A 360 5.30 -11.14 11.83
CA GLY A 360 6.25 -9.99 11.66
C GLY A 360 5.47 -8.70 11.65
N THR A 361 6.20 -7.57 11.51
CA THR A 361 5.60 -6.26 11.61
C THR A 361 6.38 -5.27 10.76
N TRP A 362 5.79 -4.09 10.54
CA TRP A 362 6.32 -3.06 9.61
C TRP A 362 6.85 -1.83 10.30
N VAL A 363 7.90 -1.24 9.73
CA VAL A 363 8.30 0.10 10.15
C VAL A 363 8.57 0.91 8.90
N ALA A 364 8.51 2.23 9.02
CA ALA A 364 8.65 3.06 7.83
C ALA A 364 9.90 3.89 7.91
N HIS A 365 10.68 3.64 8.98
CA HIS A 365 11.95 4.34 9.21
C HIS A 365 13.01 3.41 9.78
N PRO A 366 14.25 3.50 9.27
CA PRO A 366 15.45 2.77 9.70
C PRO A 366 15.62 2.72 11.23
N GLY A 367 15.42 3.87 11.88
CA GLY A 367 15.62 4.01 13.31
C GLY A 367 14.66 3.24 14.20
N LEU A 368 13.53 2.79 13.63
CA LEU A 368 12.51 2.10 14.42
C LEU A 368 12.62 0.56 14.32
N VAL A 369 13.55 0.10 13.49
CA VAL A 369 13.85 -1.35 13.40
C VAL A 369 14.19 -1.98 14.76
N PRO A 370 15.09 -1.37 15.55
CA PRO A 370 15.49 -1.94 16.87
C PRO A 370 14.31 -2.22 17.80
N VAL A 371 13.39 -1.25 17.86
CA VAL A 371 12.14 -1.27 18.61
C VAL A 371 11.27 -2.50 18.24
N ALA A 372 10.98 -2.59 16.96
CA ALA A 372 10.21 -3.70 16.40
C ALA A 372 10.95 -5.02 16.61
N MET A 373 12.25 -5.00 16.32
CA MET A 373 13.13 -6.16 16.50
C MET A 373 13.10 -6.64 17.92
N GLU A 374 13.23 -5.72 18.89
CA GLU A 374 13.23 -6.16 20.28
C GLU A 374 11.97 -6.94 20.64
N VAL A 375 10.80 -6.40 20.28
CA VAL A 375 9.53 -7.02 20.69
C VAL A 375 9.41 -8.42 20.11
N PHE A 376 9.62 -8.52 18.80
CA PHE A 376 9.52 -9.81 18.12
C PHE A 376 10.59 -10.83 18.55
N ASN A 377 11.81 -10.36 18.77
CA ASN A 377 12.81 -11.27 19.27
C ASN A 377 12.48 -11.84 20.65
N HIS A 378 11.77 -11.05 21.47
CA HIS A 378 11.35 -11.55 22.80
C HIS A 378 10.15 -12.51 22.69
N ILE A 379 9.10 -12.14 21.95
CA ILE A 379 7.88 -12.96 21.91
C ILE A 379 7.93 -14.05 20.84
N MET A 380 8.64 -13.78 19.74
CA MET A 380 8.70 -14.76 18.64
C MET A 380 10.13 -15.21 18.33
N LYS A 381 10.59 -16.16 19.15
CA LYS A 381 11.93 -16.74 19.02
C LYS A 381 12.04 -17.74 17.89
N THR A 382 10.90 -18.30 17.47
CA THR A 382 10.82 -19.12 16.26
C THR A 382 10.91 -18.25 15.00
N PRO A 383 11.34 -18.83 13.86
CA PRO A 383 11.46 -17.95 12.68
C PRO A 383 10.14 -17.28 12.31
N ASN A 384 9.06 -18.01 12.50
CA ASN A 384 7.73 -17.44 12.34
C ASN A 384 6.82 -18.17 13.30
N GLN A 385 5.53 -17.86 13.33
CA GLN A 385 4.60 -18.60 14.19
C GLN A 385 3.38 -19.06 13.42
N ILE A 386 3.68 -19.61 12.26
CA ILE A 386 2.65 -20.01 11.33
C ILE A 386 1.90 -21.20 11.96
N PHE A 387 2.54 -21.87 12.90
CA PHE A 387 1.92 -22.99 13.64
C PHE A 387 0.82 -22.50 14.58
N ARG A 388 0.73 -21.19 14.81
CA ARG A 388 -0.36 -20.65 15.65
C ARG A 388 -1.67 -20.44 14.88
N LYS A 389 -2.59 -21.40 14.99
CA LYS A 389 -3.76 -21.39 14.12
C LYS A 389 -4.90 -20.49 14.61
N ARG A 390 -4.86 -20.12 15.89
CA ARG A 390 -5.86 -19.25 16.54
C ARG A 390 -7.21 -19.87 16.32
N GLU A 391 -7.25 -21.14 16.66
CA GLU A 391 -8.38 -21.98 16.41
C GLU A 391 -9.60 -21.54 17.23
N GLU A 392 -9.34 -20.95 18.39
CA GLU A 392 -10.41 -20.63 19.32
C GLU A 392 -11.25 -19.40 18.92
N ILE A 393 -10.76 -18.60 17.97
CA ILE A 393 -11.53 -17.43 17.58
C ILE A 393 -12.45 -17.65 16.38
N HIS A 394 -13.57 -16.92 16.39
CA HIS A 394 -14.51 -16.97 15.29
C HIS A 394 -14.90 -15.58 14.89
N VAL A 395 -14.48 -15.18 13.70
CA VAL A 395 -14.80 -13.88 13.20
C VAL A 395 -15.97 -13.95 12.19
N THR A 396 -17.08 -13.29 12.53
CA THR A 396 -18.27 -13.20 11.65
C THR A 396 -18.20 -11.98 10.74
N GLU A 397 -19.03 -11.96 9.72
CA GLU A 397 -19.18 -10.79 8.84
C GLU A 397 -19.51 -9.52 9.63
N LYS A 398 -20.45 -9.64 10.57
CA LYS A 398 -20.80 -8.52 11.43
C LYS A 398 -19.61 -7.97 12.22
N ASP A 399 -18.67 -8.84 12.61
CA ASP A 399 -17.50 -8.40 13.39
C ASP A 399 -16.65 -7.48 12.52
N LEU A 400 -16.55 -7.87 11.26
CA LEU A 400 -15.78 -7.16 10.23
C LEU A 400 -16.36 -5.78 9.90
N LEU A 401 -17.66 -5.62 10.07
CA LEU A 401 -18.38 -4.40 9.62
C LEU A 401 -18.74 -3.39 10.73
N GLU A 402 -18.38 -3.73 11.97
CA GLU A 402 -18.83 -2.99 13.14
C GLU A 402 -18.23 -1.60 13.15
N VAL A 403 -19.07 -0.57 13.19
CA VAL A 403 -18.53 0.82 13.13
C VAL A 403 -17.81 1.16 14.46
N PRO A 404 -16.58 1.76 14.36
CA PRO A 404 -15.86 2.18 15.55
C PRO A 404 -16.50 3.43 16.18
N VAL A 405 -16.53 3.41 17.51
CA VAL A 405 -17.07 4.51 18.30
C VAL A 405 -15.96 5.36 18.96
N GLY A 406 -16.07 6.69 18.82
CA GLY A 406 -15.21 7.63 19.55
C GLY A 406 -15.71 9.05 19.41
N THR A 407 -14.81 10.02 19.52
CA THR A 407 -15.19 11.40 19.36
C THR A 407 -14.50 11.99 18.13
N ILE A 408 -15.08 13.07 17.62
CA ILE A 408 -14.47 13.85 16.54
C ILE A 408 -14.05 15.15 17.18
N THR A 409 -12.84 15.61 16.89
CA THR A 409 -12.21 16.54 17.74
C THR A 409 -11.64 17.70 16.93
N GLU A 410 -11.56 18.88 17.51
CA GLU A 410 -10.97 20.00 16.77
C GLU A 410 -9.58 19.67 16.28
N GLU A 411 -8.77 19.07 17.16
CA GLU A 411 -7.39 18.67 16.83
C GLU A 411 -7.36 17.65 15.67
N GLY A 412 -8.22 16.63 15.76
CA GLY A 412 -8.29 15.64 14.71
C GLY A 412 -8.69 16.24 13.39
N LEU A 413 -9.55 17.26 13.41
CA LEU A 413 -10.00 17.88 12.19
C LEU A 413 -8.87 18.75 11.64
N ARG A 414 -8.22 19.52 12.51
CA ARG A 414 -7.03 20.31 12.09
C ARG A 414 -5.91 19.40 11.57
N MET A 415 -5.69 18.25 12.22
CA MET A 415 -4.65 17.31 11.77
CA MET A 415 -4.64 17.35 11.75
C MET A 415 -4.95 16.76 10.39
N ASN A 416 -6.21 16.35 10.15
CA ASN A 416 -6.63 15.88 8.84
C ASN A 416 -6.39 16.91 7.74
N ILE A 417 -6.69 18.18 8.04
CA ILE A 417 -6.51 19.23 7.05
C ILE A 417 -5.03 19.55 6.82
N SER A 418 -4.28 19.69 7.91
CA SER A 418 -2.89 20.01 7.83
C SER A 418 -2.06 18.91 7.17
N VAL A 419 -2.32 17.66 7.58
CA VAL A 419 -1.51 16.56 7.07
C VAL A 419 -1.88 16.28 5.62
N GLY A 420 -3.18 16.31 5.30
CA GLY A 420 -3.66 16.15 3.91
C GLY A 420 -2.95 17.16 2.99
N ILE A 421 -2.96 18.41 3.38
CA ILE A 421 -2.40 19.41 2.47
C ILE A 421 -0.89 19.27 2.36
N GLN A 422 -0.22 19.16 3.50
CA GLN A 422 1.25 19.00 3.51
C GLN A 422 1.63 17.72 2.75
N TYR A 423 0.87 16.63 2.93
CA TYR A 423 1.26 15.46 2.21
C TYR A 423 1.12 15.64 0.71
N ILE A 424 0.00 16.21 0.27
CA ILE A 424 -0.20 16.43 -1.16
C ILE A 424 0.83 17.42 -1.75
N ALA A 425 1.23 18.44 -1.01
CA ALA A 425 2.28 19.35 -1.51
C ALA A 425 3.59 18.59 -1.71
N SER A 426 3.94 17.78 -0.72
CA SER A 426 5.13 16.94 -0.80
C SER A 426 5.08 16.05 -2.06
N TRP A 427 3.95 15.36 -2.25
CA TRP A 427 3.74 14.47 -3.35
C TRP A 427 3.85 15.16 -4.72
N LEU A 428 3.28 16.36 -4.85
CA LEU A 428 3.34 17.09 -6.12
C LEU A 428 4.75 17.59 -6.38
N SER A 429 5.49 17.75 -5.29
CA SER A 429 6.91 18.12 -5.33
C SER A 429 7.83 16.91 -5.57
N GLY A 430 7.24 15.73 -5.73
CA GLY A 430 7.99 14.52 -6.08
C GLY A 430 8.48 13.69 -4.91
N ARG A 431 8.03 14.04 -3.70
CA ARG A 431 8.43 13.34 -2.49
C ARG A 431 7.21 12.65 -1.89
N GLY A 432 7.05 11.36 -2.13
CA GLY A 432 5.83 10.65 -1.74
C GLY A 432 5.97 10.07 -0.34
N ALA A 433 7.17 10.15 0.23
CA ALA A 433 7.38 9.76 1.62
C ALA A 433 7.69 11.03 2.43
N ALA A 434 6.70 11.51 3.18
CA ALA A 434 6.78 12.85 3.81
C ALA A 434 6.86 12.77 5.31
N PRO A 435 7.95 13.32 5.88
CA PRO A 435 8.04 13.36 7.34
C PRO A 435 7.21 14.54 7.79
N ILE A 436 6.07 14.24 8.40
CA ILE A 436 5.19 15.30 8.90
C ILE A 436 4.91 15.06 10.39
N TYR A 437 5.24 16.08 11.21
CA TYR A 437 5.14 15.99 12.69
C TYR A 437 5.83 14.72 13.14
N ASN A 438 7.05 14.56 12.61
CA ASN A 438 7.80 13.28 12.52
C ASN A 438 7.01 11.96 12.57
N LEU A 439 6.07 11.86 11.66
CA LEU A 439 5.57 10.58 11.23
C LEU A 439 5.95 10.49 9.74
N MET A 440 6.30 9.28 9.30
CA MET A 440 6.62 9.12 7.88
C MET A 440 5.29 8.85 7.27
N GLU A 441 4.80 9.81 6.49
CA GLU A 441 3.49 9.68 5.88
C GLU A 441 3.55 9.31 4.41
N ASP A 442 2.53 8.58 3.95
CA ASP A 442 2.42 8.18 2.56
C ASP A 442 1.01 8.53 2.09
N ALA A 443 0.67 8.16 0.86
CA ALA A 443 -0.61 8.54 0.28
C ALA A 443 -1.77 8.05 1.12
N ALA A 444 -1.66 6.85 1.71
CA ALA A 444 -2.79 6.36 2.52
C ALA A 444 -3.12 7.31 3.68
N THR A 445 -2.12 7.91 4.31
CA THR A 445 -2.43 8.93 5.33
C THR A 445 -3.25 10.06 4.78
N ALA A 446 -2.81 10.63 3.63
CA ALA A 446 -3.60 11.68 3.05
C ALA A 446 -5.01 11.25 2.65
N GLU A 447 -5.16 10.00 2.20
CA GLU A 447 -6.44 9.49 1.78
C GLU A 447 -7.42 9.45 2.95
N ILE A 448 -7.06 8.79 4.04
CA ILE A 448 -7.93 8.84 5.21
C ILE A 448 -8.15 10.28 5.71
N SER A 449 -7.11 11.11 5.64
CA SER A 449 -7.28 12.53 6.02
C SER A 449 -8.37 13.25 5.22
N ARG A 450 -8.27 13.27 3.89
CA ARG A 450 -9.29 13.87 3.00
CA ARG A 450 -9.30 13.91 3.07
C ARG A 450 -10.64 13.20 3.18
N ALA A 451 -10.60 11.88 3.35
CA ALA A 451 -11.84 11.12 3.43
C ALA A 451 -12.61 11.52 4.66
N GLN A 452 -11.91 11.66 5.80
CA GLN A 452 -12.61 12.05 7.03
C GLN A 452 -13.22 13.43 6.92
N VAL A 453 -12.47 14.38 6.39
CA VAL A 453 -13.04 15.71 6.25
C VAL A 453 -14.26 15.74 5.32
N TRP A 454 -14.17 15.06 4.19
CA TRP A 454 -15.27 14.87 3.28
C TRP A 454 -16.48 14.33 4.04
N GLN A 455 -16.30 13.29 4.84
CA GLN A 455 -17.42 12.66 5.55
C GLN A 455 -18.01 13.56 6.66
N TRP A 456 -17.13 14.21 7.41
CA TRP A 456 -17.53 15.02 8.54
C TRP A 456 -18.30 16.28 8.13
N ILE A 457 -17.84 16.95 7.05
CA ILE A 457 -18.61 18.08 6.53
C ILE A 457 -20.05 17.66 6.21
N ARG A 458 -20.22 16.45 5.72
CA ARG A 458 -21.49 16.05 5.17
C ARG A 458 -22.41 15.47 6.22
N HIS A 459 -21.83 14.81 7.22
CA HIS A 459 -22.66 14.03 8.14
C HIS A 459 -23.42 14.91 9.11
N GLU A 460 -24.65 14.52 9.38
CA GLU A 460 -25.49 15.21 10.34
C GLU A 460 -24.87 15.11 11.72
N GLY A 461 -24.17 14.00 11.92
CA GLY A 461 -23.40 13.70 13.13
C GLY A 461 -21.98 14.24 13.07
N GLY A 462 -21.66 14.96 11.99
CA GLY A 462 -20.32 15.52 11.79
C GLY A 462 -20.14 16.79 12.59
N LYS A 463 -19.89 16.62 13.89
CA LYS A 463 -19.81 17.72 14.86
C LYS A 463 -18.61 17.54 15.78
N LEU A 464 -17.89 18.62 16.04
CA LEU A 464 -16.75 18.60 16.96
C LEU A 464 -17.20 18.18 18.35
N ASN A 465 -16.21 17.86 19.19
CA ASN A 465 -16.50 17.38 20.52
C ASN A 465 -17.22 18.46 21.34
N ASP A 466 -16.83 19.70 21.08
CA ASP A 466 -17.37 20.86 21.74
C ASP A 466 -18.77 21.24 21.23
N GLY A 467 -19.31 20.49 20.27
CA GLY A 467 -20.67 20.69 19.74
C GLY A 467 -20.79 21.45 18.42
N ARG A 468 -19.74 22.15 18.04
CA ARG A 468 -19.71 22.87 16.78
C ARG A 468 -19.92 21.95 15.60
N ASN A 469 -20.86 22.36 14.75
CA ASN A 469 -21.11 21.71 13.47
C ASN A 469 -19.92 21.81 12.53
N ILE A 470 -19.54 20.66 11.96
CA ILE A 470 -18.48 20.65 10.99
C ILE A 470 -19.08 21.06 9.64
N THR A 471 -18.87 22.31 9.26
CA THR A 471 -19.50 22.84 8.06
C THR A 471 -18.44 23.26 7.10
N LEU A 472 -18.81 23.48 5.86
CA LEU A 472 -17.89 24.04 4.88
C LEU A 472 -17.19 25.28 5.46
N GLU A 473 -17.96 26.18 6.09
CA GLU A 473 -17.41 27.43 6.66
C GLU A 473 -16.32 27.15 7.71
N LEU A 474 -16.62 26.23 8.60
CA LEU A 474 -15.69 25.92 9.67
C LEU A 474 -14.46 25.23 9.09
N MET A 475 -14.67 24.35 8.12
CA MET A 475 -13.56 23.64 7.46
C MET A 475 -12.65 24.71 6.84
N GLU A 476 -13.27 25.65 6.13
CA GLU A 476 -12.54 26.68 5.43
C GLU A 476 -11.75 27.58 6.37
N GLU A 477 -12.34 27.90 7.52
CA GLU A 477 -11.71 28.78 8.49
C GLU A 477 -10.55 28.07 9.19
N LEU A 478 -10.78 26.82 9.59
CA LEU A 478 -9.71 25.93 10.08
C LEU A 478 -8.60 25.69 9.05
N LYS A 479 -8.99 25.52 7.79
CA LYS A 479 -8.00 25.38 6.70
C LYS A 479 -7.05 26.62 6.61
N GLU A 480 -7.63 27.82 6.62
CA GLU A 480 -6.80 29.07 6.58
C GLU A 480 -5.79 29.14 7.74
N GLU A 481 -6.26 28.80 8.95
CA GLU A 481 -5.41 28.88 10.13
C GLU A 481 -4.26 27.88 10.07
N GLU A 482 -4.57 26.66 9.60
CA GLU A 482 -3.53 25.65 9.45
C GLU A 482 -2.52 26.04 8.38
N LEU A 483 -2.99 26.69 7.33
CA LEU A 483 -2.10 27.12 6.27
C LEU A 483 -1.17 28.25 6.73
N ALA A 484 -1.69 29.11 7.62
CA ALA A 484 -0.88 30.11 8.31
C ALA A 484 0.21 29.46 9.19
N LYS A 485 -0.20 28.42 9.91
CA LYS A 485 0.66 27.67 10.80
C LYS A 485 1.77 26.96 10.01
N ILE A 486 1.41 26.37 8.88
CA ILE A 486 2.38 25.67 8.02
C ILE A 486 3.45 26.65 7.55
N GLU A 487 3.00 27.72 6.90
CA GLU A 487 3.90 28.76 6.42
C GLU A 487 4.87 29.26 7.53
N ARG A 488 4.43 29.23 8.78
CA ARG A 488 5.27 29.54 9.93
C ARG A 488 6.29 28.41 10.27
N GLU A 489 5.88 27.16 10.16
CA GLU A 489 6.77 26.06 10.46
C GLU A 489 7.81 25.88 9.34
N ILE A 490 7.41 26.23 8.12
CA ILE A 490 8.17 25.89 6.90
C ILE A 490 8.83 27.07 6.18
N GLY A 491 8.25 28.26 6.29
CA GLY A 491 8.81 29.44 5.65
C GLY A 491 8.11 29.79 4.35
N LYS A 492 8.17 31.08 3.99
CA LYS A 492 7.48 31.61 2.80
C LYS A 492 7.95 30.97 1.52
N GLU A 493 9.27 30.88 1.37
CA GLU A 493 9.88 30.32 0.16
C GLU A 493 9.52 28.85 -0.04
N ALA A 494 9.45 28.10 1.05
CA ALA A 494 9.18 26.67 0.98
C ALA A 494 7.70 26.43 0.76
N LYS A 496 5.00 26.95 -0.87
CA LYS A 496 5.74 28.13 -1.32
C LYS A 496 6.26 27.82 -2.71
N LYS A 497 7.42 27.16 -2.78
CA LYS A 497 7.90 26.47 -3.97
C LYS A 497 7.50 25.01 -3.84
N GLY A 498 6.82 24.70 -2.74
CA GLY A 498 6.47 23.31 -2.41
C GLY A 498 5.13 22.91 -2.96
N ARG A 499 4.60 23.76 -3.85
CA ARG A 499 3.31 23.54 -4.54
C ARG A 499 2.17 23.45 -3.55
N PHE A 500 2.22 24.31 -2.52
CA PHE A 500 1.13 24.37 -1.54
C PHE A 500 -0.17 24.94 -2.10
N GLN A 501 -0.08 25.93 -2.99
CA GLN A 501 -1.27 26.46 -3.64
C GLN A 501 -2.05 25.31 -4.29
N GLU A 502 -1.39 24.58 -5.18
CA GLU A 502 -2.00 23.42 -5.85
C GLU A 502 -2.49 22.33 -4.89
N ALA A 503 -1.68 22.06 -3.87
CA ALA A 503 -2.06 21.03 -2.86
C ALA A 503 -3.36 21.47 -2.16
N THR A 504 -3.45 22.78 -1.86
CA THR A 504 -4.59 23.32 -1.14
C THR A 504 -5.82 23.20 -2.03
N THR A 505 -5.66 23.56 -3.30
CA THR A 505 -6.78 23.53 -4.23
C THR A 505 -7.30 22.08 -4.36
N LEU A 506 -6.37 21.14 -4.45
CA LEU A 506 -6.75 19.74 -4.68
C LEU A 506 -7.44 19.18 -3.48
N PHE A 507 -6.84 19.35 -2.31
CA PHE A 507 -7.49 18.98 -1.05
C PHE A 507 -8.88 19.60 -0.98
N THR A 508 -9.00 20.92 -1.26
CA THR A 508 -10.34 21.52 -1.16
C THR A 508 -11.32 20.89 -2.13
N ASN A 509 -10.88 20.61 -3.36
CA ASN A 509 -11.78 19.97 -4.32
C ASN A 509 -12.16 18.57 -3.88
N LEU A 510 -11.21 17.87 -3.27
CA LEU A 510 -11.46 16.52 -2.78
C LEU A 510 -12.55 16.47 -1.67
N VAL A 511 -12.55 17.47 -0.80
CA VAL A 511 -13.52 17.48 0.32
C VAL A 511 -14.85 18.17 -0.05
N ARG A 512 -14.82 18.98 -1.10
CA ARG A 512 -16.02 19.72 -1.52
C ARG A 512 -16.89 18.98 -2.52
N ASN A 513 -16.25 18.19 -3.41
CA ASN A 513 -16.92 17.39 -4.43
C ASN A 513 -17.77 16.34 -3.73
N ASP A 514 -19.06 16.32 -4.05
CA ASP A 514 -20.00 15.35 -3.45
C ASP A 514 -19.84 13.92 -3.93
N GLU A 515 -19.13 13.72 -5.05
CA GLU A 515 -19.07 12.37 -5.67
C GLU A 515 -18.10 11.32 -5.05
N PHE A 516 -17.03 11.79 -4.41
CA PHE A 516 -15.96 10.95 -3.76
C PHE A 516 -15.04 10.29 -4.79
N VAL A 517 -14.03 11.03 -5.24
CA VAL A 517 -12.99 10.46 -6.08
C VAL A 517 -12.36 9.26 -5.36
N PRO A 518 -12.27 8.12 -6.05
CA PRO A 518 -11.79 6.86 -5.44
C PRO A 518 -10.38 6.94 -4.82
N PHE A 519 -9.49 7.79 -5.38
CA PHE A 519 -8.10 7.91 -4.95
C PHE A 519 -7.65 9.30 -5.30
N LEU A 520 -7.02 10.00 -4.36
CA LEU A 520 -6.58 11.39 -4.67
C LEU A 520 -5.50 11.42 -5.74
N THR A 521 -4.84 10.28 -5.94
CA THR A 521 -3.75 10.21 -6.90
C THR A 521 -4.31 10.22 -8.34
N LEU A 522 -5.59 9.92 -8.50
CA LEU A 522 -6.20 9.96 -9.83
C LEU A 522 -6.16 11.42 -10.36
N PRO A 523 -6.84 12.41 -9.69
CA PRO A 523 -6.65 13.82 -10.14
C PRO A 523 -5.24 14.37 -9.94
N GLY A 524 -4.61 13.98 -8.83
CA GLY A 524 -3.21 14.35 -8.58
C GLY A 524 -2.24 13.96 -9.70
N TYR A 525 -2.41 12.76 -10.27
CA TYR A 525 -1.54 12.32 -11.36
C TYR A 525 -1.64 13.24 -12.57
N GLU A 526 -2.84 13.75 -12.83
CA GLU A 526 -3.07 14.64 -13.96
C GLU A 526 -2.25 15.90 -13.85
N ILE A 527 -2.17 16.45 -12.64
CA ILE A 527 -1.52 17.74 -12.44
C ILE A 527 -0.08 17.62 -11.94
N LEU A 528 0.32 16.41 -11.53
CA LEU A 528 1.69 16.16 -11.03
C LEU A 528 2.73 16.65 -12.02
MG MG B . -1.37 0.50 1.74
MG MG C . -27.04 4.32 2.56
#